data_7SAW
#
_entry.id   7SAW
#
_entity_poly.entity_id   1
_entity_poly.type   'polypeptide(L)'
_entity_poly.pdbx_seq_one_letter_code
;CCNCSSKWCRDHSRCC(NH2)
;
_entity_poly.pdbx_strand_id   A
#
# COMPACT_ATOMS: atom_id res chain seq x y z
N CYS A 1 -5.53 -4.55 -6.22
CA CYS A 1 -4.49 -4.83 -5.24
C CYS A 1 -4.30 -3.65 -4.29
N CYS A 2 -3.30 -3.74 -3.43
CA CYS A 2 -3.02 -2.68 -2.46
C CYS A 2 -2.78 -1.36 -3.17
N ASN A 3 -3.30 -0.28 -2.59
CA ASN A 3 -3.13 1.06 -3.16
C ASN A 3 -1.92 1.75 -2.58
N CYS A 4 -0.97 2.13 -3.44
CA CYS A 4 0.24 2.80 -3.02
C CYS A 4 -0.10 4.13 -2.32
N SER A 5 -1.14 4.79 -2.79
CA SER A 5 -1.56 6.06 -2.22
C SER A 5 -1.78 5.93 -0.71
N SER A 6 -2.43 4.84 -0.31
CA SER A 6 -2.70 4.60 1.10
C SER A 6 -1.41 4.63 1.92
N LYS A 7 -1.50 5.19 3.13
CA LYS A 7 -0.35 5.27 4.01
C LYS A 7 -0.14 3.96 4.77
N TRP A 8 -1.23 3.38 5.25
CA TRP A 8 -1.16 2.14 6.00
C TRP A 8 -0.94 0.95 5.06
N CYS A 9 -1.56 1.01 3.88
CA CYS A 9 -1.42 -0.05 2.89
C CYS A 9 0.03 -0.19 2.44
N ARG A 10 0.73 0.94 2.35
CA ARG A 10 2.13 0.95 1.92
C ARG A 10 3.05 0.67 3.11
N ASP A 11 2.64 1.12 4.29
CA ASP A 11 3.43 0.93 5.50
C ASP A 11 3.47 -0.54 5.89
N HIS A 12 2.39 -1.25 5.61
CA HIS A 12 2.30 -2.67 5.93
C HIS A 12 2.56 -3.53 4.70
N SER A 13 1.99 -3.13 3.57
CA SER A 13 2.15 -3.86 2.32
C SER A 13 3.05 -3.10 1.36
N ARG A 14 3.56 -3.79 0.35
CA ARG A 14 4.44 -3.18 -0.65
C ARG A 14 3.62 -2.62 -1.80
N CYS A 15 4.17 -1.62 -2.48
CA CYS A 15 3.50 -1.00 -3.61
C CYS A 15 3.40 -1.97 -4.79
N CYS A 16 2.27 -1.93 -5.48
CA CYS A 16 2.04 -2.81 -6.63
C CYS A 16 2.95 -2.43 -7.79
N CYS A 1 -4.81 -4.57 -7.95
CA CYS A 1 -3.72 -4.04 -7.13
C CYS A 1 -4.26 -3.02 -6.14
N CYS A 2 -3.48 -2.77 -5.08
CA CYS A 2 -3.87 -1.82 -4.06
C CYS A 2 -3.40 -0.41 -4.40
N ASN A 3 -4.14 0.59 -3.94
CA ASN A 3 -3.79 1.98 -4.21
C ASN A 3 -2.52 2.38 -3.47
N CYS A 4 -1.56 2.93 -4.20
CA CYS A 4 -0.30 3.36 -3.63
C CYS A 4 -0.52 4.46 -2.58
N SER A 5 -1.50 5.32 -2.84
CA SER A 5 -1.82 6.41 -1.92
C SER A 5 -2.05 5.89 -0.51
N SER A 6 -2.67 4.72 -0.42
CA SER A 6 -2.96 4.10 0.87
C SER A 6 -1.71 4.02 1.73
N LYS A 7 -1.80 4.51 2.96
CA LYS A 7 -0.67 4.48 3.89
C LYS A 7 -0.54 3.12 4.55
N TRP A 8 -1.66 2.59 5.02
CA TRP A 8 -1.68 1.29 5.67
C TRP A 8 -1.27 0.18 4.72
N CYS A 9 -1.82 0.22 3.50
CA CYS A 9 -1.51 -0.78 2.49
C CYS A 9 -0.01 -0.89 2.27
N ARG A 10 0.67 0.25 2.34
CA ARG A 10 2.12 0.29 2.15
C ARG A 10 2.84 -0.01 3.45
N ASP A 11 2.24 0.38 4.56
CA ASP A 11 2.84 0.16 5.88
C ASP A 11 2.86 -1.33 6.22
N HIS A 12 1.83 -2.05 5.76
CA HIS A 12 1.74 -3.48 6.01
C HIS A 12 2.16 -4.28 4.79
N SER A 13 1.72 -3.84 3.62
CA SER A 13 2.06 -4.52 2.36
C SER A 13 2.86 -3.60 1.45
N ARG A 14 3.03 -4.03 0.20
CA ARG A 14 3.78 -3.24 -0.77
C ARG A 14 2.93 -2.98 -2.02
N CYS A 15 3.26 -1.92 -2.74
CA CYS A 15 2.55 -1.55 -3.95
C CYS A 15 3.24 -2.10 -5.18
N CYS A 16 2.45 -2.44 -6.21
CA CYS A 16 3.00 -2.98 -7.44
C CYS A 16 4.04 -2.04 -8.04
N CYS A 1 -4.13 -4.66 -8.06
CA CYS A 1 -3.22 -4.38 -6.95
C CYS A 1 -3.80 -3.30 -6.05
N CYS A 2 -3.34 -3.27 -4.80
CA CYS A 2 -3.80 -2.28 -3.83
C CYS A 2 -3.32 -0.88 -4.20
N ASN A 3 -4.10 0.12 -3.84
CA ASN A 3 -3.74 1.51 -4.14
C ASN A 3 -2.48 1.92 -3.39
N CYS A 4 -1.52 2.49 -4.13
CA CYS A 4 -0.27 2.92 -3.54
C CYS A 4 -0.49 4.08 -2.57
N SER A 5 -1.45 4.93 -2.89
CA SER A 5 -1.77 6.08 -2.05
C SER A 5 -2.04 5.65 -0.61
N SER A 6 -2.68 4.49 -0.46
CA SER A 6 -3.00 3.95 0.86
C SER A 6 -1.76 3.92 1.74
N LYS A 7 -1.82 4.64 2.87
CA LYS A 7 -0.71 4.69 3.79
C LYS A 7 -0.56 3.37 4.55
N TRP A 8 -1.68 2.78 4.92
CA TRP A 8 -1.69 1.51 5.64
C TRP A 8 -1.27 0.37 4.72
N CYS A 9 -1.89 0.30 3.55
CA CYS A 9 -1.59 -0.74 2.59
C CYS A 9 -0.10 -0.77 2.26
N ARG A 10 0.52 0.41 2.22
CA ARG A 10 1.94 0.51 1.92
C ARG A 10 2.78 0.33 3.19
N ASP A 11 2.22 0.74 4.33
CA ASP A 11 2.91 0.62 5.61
C ASP A 11 3.05 -0.85 6.01
N HIS A 12 2.04 -1.64 5.66
CA HIS A 12 2.05 -3.07 5.99
C HIS A 12 2.45 -3.90 4.78
N SER A 13 1.90 -3.55 3.63
CA SER A 13 2.19 -4.27 2.39
C SER A 13 2.87 -3.36 1.37
N ARG A 14 2.99 -3.84 0.14
CA ARG A 14 3.63 -3.07 -0.92
C ARG A 14 2.64 -2.81 -2.06
N CYS A 15 2.91 -1.77 -2.85
CA CYS A 15 2.06 -1.41 -3.96
C CYS A 15 2.72 -1.74 -5.30
N CYS A 16 1.93 -2.18 -6.26
CA CYS A 16 2.45 -2.53 -7.58
C CYS A 16 2.95 -1.29 -8.31
N CYS A 1 -4.94 -4.04 -8.15
CA CYS A 1 -4.29 -4.35 -6.87
C CYS A 1 -4.50 -3.22 -5.87
N CYS A 2 -3.98 -3.40 -4.66
CA CYS A 2 -4.11 -2.41 -3.62
C CYS A 2 -3.52 -1.07 -4.06
N ASN A 3 -4.19 0.02 -3.71
CA ASN A 3 -3.73 1.36 -4.08
C ASN A 3 -2.45 1.71 -3.33
N CYS A 4 -1.45 2.18 -4.07
CA CYS A 4 -0.17 2.54 -3.49
C CYS A 4 -0.31 3.81 -2.63
N SER A 5 -1.18 4.71 -3.06
CA SER A 5 -1.40 5.95 -2.34
C SER A 5 -1.76 5.68 -0.88
N SER A 6 -2.51 4.61 -0.65
CA SER A 6 -2.91 4.24 0.70
C SER A 6 -1.70 4.11 1.61
N LYS A 7 -1.77 4.74 2.78
CA LYS A 7 -0.68 4.68 3.75
C LYS A 7 -0.59 3.31 4.39
N TRP A 8 -1.72 2.81 4.88
CA TRP A 8 -1.77 1.50 5.51
C TRP A 8 -1.31 0.41 4.55
N CYS A 9 -1.66 0.56 3.27
CA CYS A 9 -1.29 -0.40 2.25
C CYS A 9 0.23 -0.60 2.23
N ARG A 10 0.97 0.47 2.41
CA ARG A 10 2.43 0.42 2.40
C ARG A 10 2.96 0.03 3.78
N ASP A 11 2.24 0.44 4.82
CA ASP A 11 2.64 0.14 6.20
C ASP A 11 2.52 -1.36 6.48
N HIS A 12 1.52 -1.99 5.88
CA HIS A 12 1.30 -3.41 6.08
C HIS A 12 1.83 -4.22 4.89
N SER A 13 1.56 -3.72 3.68
CA SER A 13 2.02 -4.39 2.47
C SER A 13 2.98 -3.50 1.68
N ARG A 14 3.30 -3.92 0.46
CA ARG A 14 4.21 -3.16 -0.39
C ARG A 14 3.45 -2.39 -1.45
N CYS A 15 4.19 -1.64 -2.27
CA CYS A 15 3.58 -0.85 -3.34
C CYS A 15 3.56 -1.62 -4.65
N CYS A 16 2.46 -1.51 -5.39
CA CYS A 16 2.32 -2.20 -6.67
C CYS A 16 3.36 -1.70 -7.67
N CYS A 1 -4.55 -4.19 -7.44
CA CYS A 1 -3.68 -4.30 -6.28
C CYS A 1 -3.97 -3.19 -5.28
N CYS A 2 -3.45 -3.35 -4.06
CA CYS A 2 -3.65 -2.36 -3.01
C CYS A 2 -3.17 -0.98 -3.45
N ASN A 3 -3.85 0.05 -2.97
CA ASN A 3 -3.48 1.43 -3.31
C ASN A 3 -2.22 1.86 -2.58
N CYS A 4 -1.24 2.35 -3.34
CA CYS A 4 0.02 2.79 -2.76
C CYS A 4 -0.19 4.01 -1.86
N SER A 5 -1.14 4.87 -2.25
CA SER A 5 -1.43 6.07 -1.48
C SER A 5 -1.73 5.73 -0.03
N SER A 6 -2.39 4.59 0.19
CA SER A 6 -2.74 4.15 1.53
C SER A 6 -1.50 4.10 2.43
N LYS A 7 -1.61 4.73 3.59
CA LYS A 7 -0.49 4.76 4.54
C LYS A 7 -0.30 3.40 5.19
N TRP A 8 -1.39 2.83 5.68
CA TRP A 8 -1.34 1.51 6.33
C TRP A 8 -0.86 0.44 5.36
N CYS A 9 -1.27 0.57 4.10
CA CYS A 9 -0.87 -0.39 3.08
C CYS A 9 0.64 -0.42 2.91
N ARG A 10 1.27 0.74 3.01
CA ARG A 10 2.72 0.86 2.88
C ARG A 10 3.41 0.55 4.20
N ASP A 11 2.75 0.89 5.30
CA ASP A 11 3.30 0.66 6.63
C ASP A 11 3.39 -0.83 6.93
N HIS A 12 2.42 -1.59 6.43
CA HIS A 12 2.37 -3.03 6.64
C HIS A 12 2.89 -3.78 5.41
N SER A 13 2.46 -3.33 4.24
CA SER A 13 2.87 -3.96 2.98
C SER A 13 3.66 -2.98 2.12
N ARG A 14 3.90 -3.37 0.87
CA ARG A 14 4.65 -2.53 -0.05
C ARG A 14 3.76 -2.08 -1.22
N CYS A 15 4.33 -1.31 -2.13
CA CYS A 15 3.59 -0.82 -3.29
C CYS A 15 3.65 -1.82 -4.44
N CYS A 16 2.50 -2.09 -5.04
CA CYS A 16 2.42 -3.02 -6.16
C CYS A 16 3.08 -2.45 -7.41
N CYS A 1 -5.96 -4.87 -7.63
CA CYS A 1 -4.76 -4.75 -6.80
C CYS A 1 -4.91 -3.63 -5.78
N CYS A 2 -4.07 -3.64 -4.76
CA CYS A 2 -4.10 -2.63 -3.71
C CYS A 2 -3.58 -1.29 -4.24
N ASN A 3 -4.20 -0.21 -3.80
CA ASN A 3 -3.81 1.12 -4.23
C ASN A 3 -2.50 1.55 -3.55
N CYS A 4 -1.56 2.05 -4.35
CA CYS A 4 -0.27 2.48 -3.84
C CYS A 4 -0.43 3.73 -2.97
N SER A 5 -1.36 4.60 -3.35
CA SER A 5 -1.61 5.83 -2.62
C SER A 5 -1.93 5.54 -1.16
N SER A 6 -2.67 4.45 -0.93
CA SER A 6 -3.05 4.06 0.42
C SER A 6 -1.83 3.93 1.32
N LYS A 7 -1.78 4.73 2.37
CA LYS A 7 -0.68 4.70 3.32
C LYS A 7 -0.57 3.34 3.99
N TRP A 8 -1.66 2.90 4.60
CA TRP A 8 -1.70 1.61 5.28
C TRP A 8 -1.24 0.50 4.35
N CYS A 9 -1.67 0.56 3.09
CA CYS A 9 -1.30 -0.44 2.10
C CYS A 9 0.21 -0.61 2.02
N ARG A 10 0.93 0.50 2.15
CA ARG A 10 2.39 0.48 2.09
C ARG A 10 2.98 0.16 3.45
N ASP A 11 2.29 0.59 4.51
CA ASP A 11 2.75 0.35 5.88
C ASP A 11 2.68 -1.14 6.21
N HIS A 12 1.68 -1.82 5.67
CA HIS A 12 1.50 -3.25 5.92
C HIS A 12 2.00 -4.07 4.75
N SER A 13 1.70 -3.62 3.53
CA SER A 13 2.12 -4.32 2.33
C SER A 13 3.04 -3.44 1.49
N ARG A 14 3.31 -3.88 0.26
CA ARG A 14 4.18 -3.14 -0.64
C ARG A 14 3.37 -2.52 -1.78
N CYS A 15 4.01 -1.64 -2.54
CA CYS A 15 3.35 -0.98 -3.66
C CYS A 15 3.16 -1.93 -4.84
N CYS A 16 2.04 -1.79 -5.54
CA CYS A 16 1.74 -2.64 -6.68
C CYS A 16 2.31 -2.04 -7.97
N CYS A 1 -5.10 -4.45 -8.06
CA CYS A 1 -4.02 -4.42 -7.08
C CYS A 1 -4.33 -3.43 -5.96
N CYS A 2 -3.55 -3.51 -4.88
CA CYS A 2 -3.74 -2.62 -3.74
C CYS A 2 -3.43 -1.18 -4.12
N ASN A 3 -4.19 -0.24 -3.54
CA ASN A 3 -4.00 1.18 -3.82
C ASN A 3 -2.66 1.67 -3.25
N CYS A 4 -1.90 2.37 -4.07
CA CYS A 4 -0.60 2.90 -3.65
C CYS A 4 -0.78 4.16 -2.81
N SER A 5 -1.78 4.95 -3.14
CA SER A 5 -2.06 6.19 -2.42
C SER A 5 -2.20 5.93 -0.92
N SER A 6 -2.96 4.90 -0.58
CA SER A 6 -3.19 4.54 0.82
C SER A 6 -1.85 4.36 1.55
N LYS A 7 -1.80 4.82 2.79
CA LYS A 7 -0.60 4.71 3.60
C LYS A 7 -0.49 3.33 4.23
N TRP A 8 -1.57 2.89 4.86
CA TRP A 8 -1.60 1.58 5.50
C TRP A 8 -1.17 0.48 4.53
N CYS A 9 -1.62 0.60 3.29
CA CYS A 9 -1.28 -0.38 2.26
C CYS A 9 0.23 -0.56 2.14
N ARG A 10 0.96 0.55 2.31
CA ARG A 10 2.41 0.52 2.22
C ARG A 10 3.03 0.13 3.56
N ASP A 11 2.36 0.49 4.66
CA ASP A 11 2.84 0.18 5.99
C ASP A 11 2.77 -1.32 6.25
N HIS A 12 1.75 -1.96 5.70
CA HIS A 12 1.57 -3.40 5.88
C HIS A 12 2.05 -4.16 4.65
N SER A 13 1.72 -3.65 3.47
CA SER A 13 2.12 -4.29 2.21
C SER A 13 3.02 -3.37 1.40
N ARG A 14 3.27 -3.76 0.16
CA ARG A 14 4.12 -2.96 -0.72
C ARG A 14 3.34 -2.48 -1.94
N CYS A 15 3.88 -1.46 -2.61
CA CYS A 15 3.23 -0.90 -3.79
C CYS A 15 3.44 -1.80 -5.00
N CYS A 16 2.45 -1.83 -5.89
CA CYS A 16 2.51 -2.64 -7.09
C CYS A 16 3.05 -1.84 -8.28
N CYS A 1 -5.67 -5.63 -4.82
CA CYS A 1 -4.53 -4.90 -4.28
C CYS A 1 -4.98 -3.61 -3.60
N CYS A 2 -4.12 -3.06 -2.74
CA CYS A 2 -4.43 -1.83 -2.02
C CYS A 2 -3.84 -0.63 -2.74
N ASN A 3 -4.47 0.53 -2.56
CA ASN A 3 -4.01 1.76 -3.20
C ASN A 3 -2.64 2.17 -2.65
N CYS A 4 -1.67 2.26 -3.55
CA CYS A 4 -0.31 2.64 -3.17
C CYS A 4 -0.31 3.96 -2.41
N SER A 5 -1.20 4.86 -2.79
CA SER A 5 -1.30 6.16 -2.15
C SER A 5 -1.54 6.01 -0.65
N SER A 6 -2.33 5.01 -0.28
CA SER A 6 -2.63 4.76 1.12
C SER A 6 -1.36 4.64 1.95
N LYS A 7 -1.46 5.00 3.22
CA LYS A 7 -0.32 4.94 4.12
C LYS A 7 -0.14 3.54 4.68
N TRP A 8 -1.20 3.00 5.29
CA TRP A 8 -1.16 1.66 5.86
C TRP A 8 -0.74 0.64 4.82
N CYS A 9 -1.17 0.84 3.58
CA CYS A 9 -0.83 -0.07 2.49
C CYS A 9 0.68 -0.21 2.35
N ARG A 10 1.39 0.89 2.51
CA ARG A 10 2.84 0.89 2.41
C ARG A 10 3.49 0.49 3.73
N ASP A 11 2.83 0.83 4.83
CA ASP A 11 3.34 0.51 6.16
C ASP A 11 3.29 -1.00 6.41
N HIS A 12 2.27 -1.65 5.86
CA HIS A 12 2.10 -3.08 6.01
C HIS A 12 2.58 -3.83 4.77
N SER A 13 2.23 -3.31 3.60
CA SER A 13 2.62 -3.92 2.34
C SER A 13 3.49 -2.98 1.52
N ARG A 14 3.74 -3.35 0.26
CA ARG A 14 4.56 -2.54 -0.62
C ARG A 14 3.75 -2.03 -1.81
N CYS A 15 4.21 -0.94 -2.42
CA CYS A 15 3.52 -0.36 -3.57
C CYS A 15 3.40 -1.38 -4.70
N CYS A 16 2.17 -1.62 -5.16
CA CYS A 16 1.94 -2.57 -6.23
C CYS A 16 1.65 -1.83 -7.54
N CYS A 1 -2.67 -3.42 -8.09
CA CYS A 1 -2.48 -3.70 -6.67
C CYS A 1 -3.09 -2.59 -5.82
N CYS A 2 -2.91 -2.69 -4.51
CA CYS A 2 -3.43 -1.70 -3.58
C CYS A 2 -2.92 -0.31 -3.93
N ASN A 3 -3.71 0.71 -3.59
CA ASN A 3 -3.34 2.09 -3.87
C ASN A 3 -2.12 2.50 -3.04
N CYS A 4 -1.12 3.07 -3.70
CA CYS A 4 0.10 3.50 -3.01
C CYS A 4 -0.22 4.63 -2.03
N SER A 5 -1.17 5.47 -2.39
CA SER A 5 -1.55 6.60 -1.54
C SER A 5 -1.90 6.12 -0.14
N SER A 6 -2.53 4.95 -0.06
CA SER A 6 -2.92 4.37 1.22
C SER A 6 -1.75 4.33 2.19
N LYS A 7 -1.81 5.14 3.24
CA LYS A 7 -0.75 5.19 4.24
C LYS A 7 -0.61 3.85 4.95
N TRP A 8 -1.73 3.27 5.34
CA TRP A 8 -1.74 1.98 6.03
C TRP A 8 -1.35 0.85 5.08
N CYS A 9 -2.09 0.74 3.98
CA CYS A 9 -1.83 -0.30 2.98
C CYS A 9 -0.36 -0.29 2.57
N ARG A 10 0.23 0.89 2.52
CA ARG A 10 1.63 1.03 2.12
C ARG A 10 2.54 0.82 3.33
N ASP A 11 2.06 1.17 4.51
CA ASP A 11 2.84 1.02 5.73
C ASP A 11 3.03 -0.45 6.07
N HIS A 12 2.03 -1.27 5.74
CA HIS A 12 2.09 -2.71 6.01
C HIS A 12 2.46 -3.48 4.74
N SER A 13 1.85 -3.10 3.63
CA SER A 13 2.11 -3.75 2.35
C SER A 13 2.95 -2.87 1.44
N ARG A 14 3.58 -3.48 0.44
CA ARG A 14 4.41 -2.75 -0.51
C ARG A 14 3.63 -2.38 -1.76
N CYS A 15 4.28 -1.69 -2.68
CA CYS A 15 3.65 -1.28 -3.93
C CYS A 15 4.03 -2.22 -5.07
N CYS A 16 3.37 -2.06 -6.21
CA CYS A 16 3.63 -2.89 -7.38
C CYS A 16 5.11 -2.85 -7.75
N CYS A 1 -4.26 -5.54 -6.72
CA CYS A 1 -3.30 -4.58 -6.17
C CYS A 1 -4.02 -3.38 -5.55
N CYS A 2 -3.59 -3.00 -4.36
CA CYS A 2 -4.19 -1.87 -3.66
C CYS A 2 -3.67 -0.54 -4.21
N ASN A 3 -4.48 0.49 -4.10
CA ASN A 3 -4.10 1.82 -4.59
C ASN A 3 -2.92 2.36 -3.80
N CYS A 4 -1.91 2.86 -4.51
CA CYS A 4 -0.72 3.41 -3.89
C CYS A 4 -1.09 4.46 -2.84
N SER A 5 -2.16 5.21 -3.12
CA SER A 5 -2.61 6.24 -2.20
C SER A 5 -2.83 5.68 -0.80
N SER A 6 -3.29 4.44 -0.73
CA SER A 6 -3.54 3.79 0.55
C SER A 6 -2.31 3.87 1.44
N LYS A 7 -2.38 4.70 2.48
CA LYS A 7 -1.28 4.86 3.41
C LYS A 7 -1.00 3.56 4.15
N TRP A 8 -2.03 3.02 4.78
CA TRP A 8 -1.90 1.77 5.54
C TRP A 8 -1.31 0.67 4.66
N CYS A 9 -1.85 0.53 3.45
CA CYS A 9 -1.37 -0.49 2.53
C CYS A 9 0.14 -0.40 2.34
N ARG A 10 0.66 0.82 2.37
CA ARG A 10 2.10 1.04 2.21
C ARG A 10 2.82 0.89 3.53
N ASP A 11 2.13 1.25 4.62
CA ASP A 11 2.71 1.15 5.96
C ASP A 11 2.93 -0.29 6.36
N HIS A 12 2.03 -1.16 5.92
CA HIS A 12 2.11 -2.58 6.23
C HIS A 12 2.68 -3.37 5.06
N SER A 13 2.21 -3.04 3.85
CA SER A 13 2.68 -3.72 2.64
C SER A 13 3.37 -2.75 1.71
N ARG A 14 3.64 -3.20 0.48
CA ARG A 14 4.30 -2.36 -0.51
C ARG A 14 3.49 -2.30 -1.80
N CYS A 15 3.66 -1.23 -2.56
CA CYS A 15 2.95 -1.05 -3.82
C CYS A 15 3.59 -1.88 -4.93
N CYS A 16 2.76 -2.48 -5.76
CA CYS A 16 3.24 -3.30 -6.87
C CYS A 16 3.55 -2.44 -8.09
N CYS A 1 -5.20 -4.80 -7.23
CA CYS A 1 -3.99 -4.91 -6.42
C CYS A 1 -3.97 -3.85 -5.31
N CYS A 2 -2.87 -3.80 -4.57
CA CYS A 2 -2.73 -2.85 -3.48
C CYS A 2 -2.53 -1.44 -4.01
N ASN A 3 -3.19 -0.46 -3.39
CA ASN A 3 -3.09 0.92 -3.81
C ASN A 3 -1.88 1.60 -3.16
N CYS A 4 -0.98 2.11 -4.00
CA CYS A 4 0.22 2.77 -3.50
C CYS A 4 -0.13 4.04 -2.72
N SER A 5 -1.19 4.72 -3.17
CA SER A 5 -1.63 5.94 -2.51
C SER A 5 -1.95 5.69 -1.04
N SER A 6 -2.66 4.60 -0.77
CA SER A 6 -3.04 4.25 0.60
C SER A 6 -1.81 4.17 1.49
N LYS A 7 -1.96 4.65 2.72
CA LYS A 7 -0.87 4.64 3.69
C LYS A 7 -0.73 3.28 4.35
N TRP A 8 -1.86 2.73 4.81
CA TRP A 8 -1.86 1.43 5.46
C TRP A 8 -1.47 0.32 4.48
N CYS A 9 -1.92 0.46 3.24
CA CYS A 9 -1.62 -0.52 2.20
C CYS A 9 -0.12 -0.65 2.00
N ARG A 10 0.58 0.48 2.07
CA ARG A 10 2.03 0.49 1.88
C ARG A 10 2.75 0.19 3.20
N ASP A 11 2.14 0.59 4.31
CA ASP A 11 2.71 0.36 5.62
C ASP A 11 2.71 -1.12 5.97
N HIS A 12 1.67 -1.83 5.51
CA HIS A 12 1.55 -3.26 5.77
C HIS A 12 1.98 -4.07 4.55
N SER A 13 1.55 -3.63 3.37
CA SER A 13 1.88 -4.32 2.13
C SER A 13 2.73 -3.43 1.23
N ARG A 14 2.99 -3.91 0.02
CA ARG A 14 3.79 -3.16 -0.94
C ARG A 14 2.91 -2.50 -1.99
N CYS A 15 3.50 -1.59 -2.78
CA CYS A 15 2.76 -0.89 -3.81
C CYS A 15 2.41 -1.84 -4.97
N CYS A 16 1.72 -1.30 -5.97
CA CYS A 16 1.33 -2.09 -7.13
C CYS A 16 1.91 -1.50 -8.42
N CYS A 1 -5.25 -4.12 -7.33
CA CYS A 1 -3.93 -4.11 -6.71
C CYS A 1 -3.89 -3.15 -5.53
N CYS A 2 -2.87 -3.31 -4.69
CA CYS A 2 -2.71 -2.45 -3.51
C CYS A 2 -2.48 -1.00 -3.92
N ASN A 3 -3.10 -0.08 -3.19
CA ASN A 3 -2.96 1.34 -3.48
C ASN A 3 -1.72 1.92 -2.78
N CYS A 4 -0.83 2.50 -3.56
CA CYS A 4 0.40 3.08 -3.03
C CYS A 4 0.08 4.33 -2.18
N SER A 5 -0.93 5.07 -2.60
CA SER A 5 -1.33 6.28 -1.89
C SER A 5 -1.61 5.98 -0.42
N SER A 6 -2.18 4.81 -0.16
CA SER A 6 -2.50 4.39 1.21
C SER A 6 -1.23 4.17 2.02
N LYS A 7 -1.23 4.63 3.25
CA LYS A 7 -0.07 4.48 4.13
C LYS A 7 -0.04 3.08 4.75
N TRP A 8 -1.21 2.58 5.11
CA TRP A 8 -1.31 1.25 5.71
C TRP A 8 -1.10 0.16 4.65
N CYS A 9 -1.65 0.38 3.46
CA CYS A 9 -1.52 -0.58 2.38
C CYS A 9 -0.05 -0.81 2.02
N ARG A 10 0.74 0.26 2.06
CA ARG A 10 2.16 0.18 1.75
C ARG A 10 2.96 -0.23 2.98
N ASP A 11 2.49 0.17 4.15
CA ASP A 11 3.17 -0.16 5.40
C ASP A 11 3.04 -1.64 5.71
N HIS A 12 1.92 -2.24 5.32
CA HIS A 12 1.67 -3.66 5.54
C HIS A 12 1.94 -4.48 4.28
N SER A 13 1.49 -3.96 3.15
CA SER A 13 1.69 -4.64 1.87
C SER A 13 2.53 -3.79 0.92
N ARG A 14 2.70 -4.28 -0.30
CA ARG A 14 3.49 -3.57 -1.30
C ARG A 14 2.68 -3.34 -2.57
N CYS A 15 3.29 -2.68 -3.56
CA CYS A 15 2.63 -2.40 -4.82
C CYS A 15 3.16 -3.30 -5.93
N CYS A 16 2.27 -3.71 -6.82
CA CYS A 16 2.65 -4.58 -7.93
C CYS A 16 3.11 -3.76 -9.13
N CYS A 1 -3.36 -4.30 -7.66
CA CYS A 1 -3.17 -4.37 -6.21
C CYS A 1 -3.74 -3.13 -5.53
N CYS A 2 -3.54 -3.04 -4.23
CA CYS A 2 -4.04 -1.91 -3.45
C CYS A 2 -3.39 -0.60 -3.91
N ASN A 3 -4.10 0.50 -3.74
CA ASN A 3 -3.59 1.81 -4.14
C ASN A 3 -2.36 2.19 -3.32
N CYS A 4 -1.26 2.46 -4.00
CA CYS A 4 -0.02 2.83 -3.33
C CYS A 4 -0.25 3.99 -2.37
N SER A 5 -1.16 4.89 -2.74
CA SER A 5 -1.48 6.05 -1.90
C SER A 5 -1.82 5.61 -0.49
N SER A 6 -2.47 4.47 -0.37
CA SER A 6 -2.87 3.95 0.94
C SER A 6 -1.68 3.92 1.89
N LYS A 7 -1.86 4.51 3.07
CA LYS A 7 -0.80 4.56 4.08
C LYS A 7 -0.65 3.20 4.76
N TRP A 8 -1.79 2.60 5.12
CA TRP A 8 -1.78 1.30 5.79
C TRP A 8 -1.14 0.24 4.90
N CYS A 9 -1.58 0.17 3.65
CA CYS A 9 -1.04 -0.81 2.71
C CYS A 9 0.48 -0.74 2.65
N ARG A 10 1.01 0.47 2.81
CA ARG A 10 2.45 0.67 2.78
C ARG A 10 3.07 0.42 4.15
N ASP A 11 2.30 0.70 5.20
CA ASP A 11 2.77 0.50 6.55
C ASP A 11 2.95 -0.99 6.86
N HIS A 12 2.08 -1.81 6.29
CA HIS A 12 2.14 -3.25 6.49
C HIS A 12 2.80 -3.95 5.31
N SER A 13 2.42 -3.53 4.11
CA SER A 13 2.96 -4.11 2.88
C SER A 13 3.78 -3.08 2.11
N ARG A 14 4.22 -3.46 0.91
CA ARG A 14 5.01 -2.58 0.07
C ARG A 14 4.27 -2.25 -1.23
N CYS A 15 4.67 -1.16 -1.88
CA CYS A 15 4.04 -0.75 -3.12
C CYS A 15 4.45 -1.67 -4.27
N CYS A 16 3.48 -2.04 -5.10
CA CYS A 16 3.73 -2.92 -6.23
C CYS A 16 4.67 -2.25 -7.24
N CYS A 1 -3.08 -4.28 -7.32
CA CYS A 1 -1.92 -4.09 -6.46
C CYS A 1 -2.25 -3.15 -5.30
N CYS A 2 -1.39 -3.14 -4.28
CA CYS A 2 -1.59 -2.29 -3.12
C CYS A 2 -1.70 -0.82 -3.53
N ASN A 3 -2.60 -0.11 -2.86
CA ASN A 3 -2.81 1.31 -3.15
C ASN A 3 -1.75 2.17 -2.47
N CYS A 4 -0.98 2.92 -3.26
CA CYS A 4 0.06 3.78 -2.72
C CYS A 4 -0.55 4.99 -2.02
N SER A 5 -1.66 5.49 -2.55
CA SER A 5 -2.34 6.64 -1.97
C SER A 5 -2.61 6.42 -0.49
N SER A 6 -2.93 5.18 -0.12
CA SER A 6 -3.22 4.85 1.26
C SER A 6 -1.96 4.44 2.01
N LYS A 7 -1.44 5.36 2.81
CA LYS A 7 -0.22 5.10 3.58
C LYS A 7 -0.36 3.84 4.40
N TRP A 8 -1.56 3.60 4.92
CA TRP A 8 -1.84 2.42 5.73
C TRP A 8 -1.49 1.14 4.97
N CYS A 9 -1.73 1.16 3.66
CA CYS A 9 -1.45 0.00 2.83
C CYS A 9 0.05 -0.26 2.74
N ARG A 10 0.84 0.82 2.76
CA ARG A 10 2.28 0.71 2.69
C ARG A 10 2.89 0.45 4.07
N ASP A 11 2.21 0.93 5.10
CA ASP A 11 2.68 0.73 6.47
C ASP A 11 2.59 -0.73 6.87
N HIS A 12 1.57 -1.42 6.37
CA HIS A 12 1.36 -2.83 6.69
C HIS A 12 1.84 -3.71 5.54
N SER A 13 1.51 -3.31 4.31
CA SER A 13 1.90 -4.06 3.13
C SER A 13 2.89 -3.27 2.28
N ARG A 14 3.27 -3.84 1.14
CA ARG A 14 4.21 -3.19 0.24
C ARG A 14 3.52 -2.71 -1.03
N CYS A 15 3.98 -1.57 -1.55
CA CYS A 15 3.40 -1.00 -2.76
C CYS A 15 4.28 -1.28 -3.97
N CYS A 16 3.66 -1.69 -5.07
CA CYS A 16 4.38 -1.98 -6.30
C CYS A 16 5.29 -0.81 -6.70
N CYS A 1 -2.51 -4.04 -8.48
CA CYS A 1 -1.59 -3.52 -7.47
C CYS A 1 -2.33 -2.66 -6.45
N CYS A 2 -2.02 -2.87 -5.18
CA CYS A 2 -2.66 -2.11 -4.09
C CYS A 2 -2.46 -0.61 -4.30
N ASN A 3 -3.45 0.17 -3.88
CA ASN A 3 -3.40 1.62 -4.02
C ASN A 3 -2.27 2.19 -3.17
N CYS A 4 -1.34 2.89 -3.82
CA CYS A 4 -0.21 3.49 -3.12
C CYS A 4 -0.69 4.52 -2.10
N SER A 5 -1.77 5.22 -2.44
CA SER A 5 -2.33 6.24 -1.55
C SER A 5 -2.58 5.66 -0.16
N SER A 6 -3.00 4.40 -0.12
CA SER A 6 -3.29 3.74 1.15
C SER A 6 -2.03 3.63 2.00
N LYS A 7 -1.87 4.54 2.95
CA LYS A 7 -0.71 4.54 3.83
C LYS A 7 -0.55 3.20 4.53
N TRP A 8 -1.61 2.75 5.18
CA TRP A 8 -1.59 1.48 5.90
C TRP A 8 -1.20 0.34 4.96
N CYS A 9 -1.87 0.26 3.81
CA CYS A 9 -1.58 -0.77 2.83
C CYS A 9 -0.09 -0.83 2.50
N ARG A 10 0.55 0.34 2.53
CA ARG A 10 1.97 0.42 2.22
C ARG A 10 2.80 0.13 3.47
N ASP A 11 2.26 0.47 4.63
CA ASP A 11 2.95 0.25 5.89
C ASP A 11 3.05 -1.24 6.20
N HIS A 12 2.03 -2.00 5.81
CA HIS A 12 2.01 -3.43 6.03
C HIS A 12 2.39 -4.20 4.77
N SER A 13 1.86 -3.76 3.64
CA SER A 13 2.14 -4.40 2.36
C SER A 13 2.86 -3.43 1.42
N ARG A 14 3.03 -3.87 0.16
CA ARG A 14 3.70 -3.04 -0.83
C ARG A 14 2.69 -2.42 -1.80
N CYS A 15 3.20 -1.82 -2.87
CA CYS A 15 2.35 -1.19 -3.86
C CYS A 15 2.07 -2.14 -5.01
N CYS A 16 1.94 -3.43 -4.70
CA CYS A 16 1.66 -4.44 -5.71
C CYS A 16 1.50 -5.82 -5.08
N CYS A 1 -4.03 -4.74 -7.72
CA CYS A 1 -3.22 -4.62 -6.51
C CYS A 1 -3.68 -3.44 -5.66
N CYS A 2 -3.27 -3.43 -4.40
CA CYS A 2 -3.64 -2.36 -3.48
C CYS A 2 -3.12 -1.02 -3.98
N ASN A 3 -3.84 0.05 -3.65
CA ASN A 3 -3.44 1.40 -4.06
C ASN A 3 -2.16 1.83 -3.35
N CYS A 4 -1.19 2.29 -4.13
CA CYS A 4 0.09 2.73 -3.58
C CYS A 4 -0.10 3.94 -2.66
N SER A 5 -1.05 4.79 -3.02
CA SER A 5 -1.33 6.00 -2.23
C SER A 5 -1.59 5.63 -0.77
N SER A 6 -2.25 4.49 -0.55
CA SER A 6 -2.57 4.03 0.79
C SER A 6 -1.32 4.01 1.66
N LYS A 7 -1.38 4.69 2.80
CA LYS A 7 -0.26 4.75 3.72
C LYS A 7 -0.21 3.50 4.60
N TRP A 8 -1.38 3.01 5.00
CA TRP A 8 -1.47 1.83 5.83
C TRP A 8 -1.17 0.57 5.02
N CYS A 9 -1.62 0.55 3.77
CA CYS A 9 -1.40 -0.59 2.90
C CYS A 9 0.09 -0.77 2.60
N ARG A 10 0.78 0.33 2.36
CA ARG A 10 2.20 0.29 2.07
C ARG A 10 3.02 0.03 3.33
N ASP A 11 2.50 0.51 4.46
CA ASP A 11 3.17 0.32 5.74
C ASP A 11 3.19 -1.14 6.15
N HIS A 12 2.20 -1.90 5.66
CA HIS A 12 2.10 -3.32 5.97
C HIS A 12 2.63 -4.16 4.83
N SER A 13 2.40 -3.71 3.60
CA SER A 13 2.85 -4.42 2.41
C SER A 13 3.14 -3.45 1.27
N ARG A 14 4.40 -3.44 0.83
CA ARG A 14 4.81 -2.55 -0.26
C ARG A 14 3.91 -2.74 -1.47
N CYS A 15 3.73 -1.65 -2.24
CA CYS A 15 2.89 -1.70 -3.43
C CYS A 15 3.57 -2.50 -4.55
N CYS A 16 2.76 -3.22 -5.33
CA CYS A 16 3.28 -4.02 -6.42
C CYS A 16 4.03 -3.14 -7.43
N CYS A 1 -6.74 -4.49 -6.64
CA CYS A 1 -5.52 -4.50 -5.85
C CYS A 1 -5.52 -3.36 -4.83
N CYS A 2 -4.64 -3.46 -3.83
CA CYS A 2 -4.53 -2.44 -2.80
C CYS A 2 -4.07 -1.11 -3.38
N ASN A 3 -4.49 -0.02 -2.75
CA ASN A 3 -4.11 1.31 -3.21
C ASN A 3 -2.71 1.69 -2.72
N CYS A 4 -1.87 2.15 -3.64
CA CYS A 4 -0.50 2.54 -3.29
C CYS A 4 -0.50 3.85 -2.51
N SER A 5 -1.43 4.74 -2.85
CA SER A 5 -1.52 6.04 -2.18
C SER A 5 -1.62 5.86 -0.67
N SER A 6 -2.35 4.83 -0.25
CA SER A 6 -2.52 4.56 1.17
C SER A 6 -1.18 4.36 1.86
N LYS A 7 -1.01 5.00 3.00
CA LYS A 7 0.23 4.90 3.76
C LYS A 7 0.30 3.60 4.55
N TRP A 8 -0.85 3.18 5.07
CA TRP A 8 -0.94 1.94 5.84
C TRP A 8 -0.79 0.72 4.92
N CYS A 9 -1.36 0.83 3.73
CA CYS A 9 -1.29 -0.27 2.76
C CYS A 9 0.16 -0.61 2.43
N ARG A 10 0.97 0.41 2.19
CA ARG A 10 2.38 0.21 1.86
C ARG A 10 3.18 -0.18 3.10
N ASP A 11 2.75 0.31 4.26
CA ASP A 11 3.42 0.01 5.52
C ASP A 11 3.27 -1.48 5.87
N HIS A 12 2.19 -2.08 5.39
CA HIS A 12 1.93 -3.49 5.65
C HIS A 12 2.33 -4.36 4.46
N SER A 13 2.12 -3.83 3.26
CA SER A 13 2.46 -4.55 2.03
C SER A 13 2.85 -3.58 0.92
N ARG A 14 4.08 -3.70 0.44
CA ARG A 14 4.57 -2.84 -0.62
C ARG A 14 3.61 -2.84 -1.81
N CYS A 15 3.81 -1.90 -2.73
CA CYS A 15 2.96 -1.79 -3.91
C CYS A 15 2.90 -3.13 -4.65
N CYS A 16 1.79 -3.34 -5.36
CA CYS A 16 1.60 -4.57 -6.11
C CYS A 16 2.62 -4.68 -7.25
N CYS A 1 -5.15 -4.87 -7.21
CA CYS A 1 -3.94 -4.44 -6.52
C CYS A 1 -4.25 -3.38 -5.48
N CYS A 2 -3.35 -3.21 -4.52
CA CYS A 2 -3.53 -2.22 -3.46
C CYS A 2 -3.10 -0.84 -3.92
N ASN A 3 -3.85 0.18 -3.51
CA ASN A 3 -3.56 1.55 -3.89
C ASN A 3 -2.31 2.05 -3.18
N CYS A 4 -1.34 2.52 -3.96
CA CYS A 4 -0.09 3.04 -3.42
C CYS A 4 -0.34 4.20 -2.46
N SER A 5 -1.35 5.01 -2.77
CA SER A 5 -1.69 6.15 -1.94
C SER A 5 -1.90 5.72 -0.49
N SER A 6 -2.49 4.55 -0.30
CA SER A 6 -2.75 4.03 1.04
C SER A 6 -1.46 3.88 1.82
N LYS A 7 -1.41 4.51 3.00
CA LYS A 7 -0.24 4.44 3.85
C LYS A 7 -0.23 3.15 4.67
N TRP A 8 -1.31 2.90 5.38
CA TRP A 8 -1.43 1.70 6.21
C TRP A 8 -1.28 0.45 5.35
N CYS A 9 -1.88 0.47 4.16
CA CYS A 9 -1.81 -0.67 3.25
C CYS A 9 -0.37 -0.99 2.88
N ARG A 10 0.44 0.05 2.74
CA ARG A 10 1.85 -0.12 2.38
C ARG A 10 2.65 -0.62 3.57
N ASP A 11 2.23 -0.23 4.77
CA ASP A 11 2.91 -0.63 5.99
C ASP A 11 2.76 -2.13 6.23
N HIS A 12 1.68 -2.71 5.70
CA HIS A 12 1.42 -4.12 5.85
C HIS A 12 1.82 -4.89 4.59
N SER A 13 1.60 -4.26 3.44
CA SER A 13 1.93 -4.88 2.16
C SER A 13 2.31 -3.82 1.12
N ARG A 14 3.54 -3.90 0.63
CA ARG A 14 4.03 -2.96 -0.36
C ARG A 14 3.23 -3.07 -1.66
N CYS A 15 2.76 -1.94 -2.16
CA CYS A 15 1.99 -1.91 -3.40
C CYS A 15 2.81 -2.43 -4.56
N CYS A 16 2.15 -3.07 -5.52
CA CYS A 16 2.82 -3.61 -6.70
C CYS A 16 3.29 -2.48 -7.62
N CYS A 1 -5.12 -4.93 -6.24
CA CYS A 1 -4.01 -4.35 -5.48
C CYS A 1 -4.41 -2.99 -4.90
N CYS A 2 -4.04 -2.76 -3.64
CA CYS A 2 -4.35 -1.52 -2.97
C CYS A 2 -3.61 -0.34 -3.61
N ASN A 3 -4.19 0.84 -3.52
CA ASN A 3 -3.60 2.04 -4.08
C ASN A 3 -2.28 2.38 -3.39
N CYS A 4 -1.24 2.62 -4.17
CA CYS A 4 0.07 2.95 -3.64
C CYS A 4 -0.03 4.10 -2.64
N SER A 5 -0.94 5.04 -2.91
CA SER A 5 -1.12 6.19 -2.04
C SER A 5 -1.43 5.76 -0.61
N SER A 6 -2.24 4.70 -0.48
CA SER A 6 -2.61 4.18 0.82
C SER A 6 -1.38 3.82 1.64
N LYS A 7 -1.15 4.54 2.72
CA LYS A 7 0.00 4.29 3.59
C LYS A 7 -0.26 3.08 4.50
N TRP A 8 -1.48 2.99 5.01
CA TRP A 8 -1.86 1.90 5.89
C TRP A 8 -1.56 0.55 5.24
N CYS A 9 -1.78 0.47 3.94
CA CYS A 9 -1.54 -0.77 3.20
C CYS A 9 -0.04 -1.03 3.07
N ARG A 10 0.70 -0.02 2.63
CA ARG A 10 2.14 -0.14 2.45
C ARG A 10 2.81 -0.61 3.75
N ASP A 11 2.18 -0.30 4.87
CA ASP A 11 2.70 -0.69 6.18
C ASP A 11 2.67 -2.20 6.35
N HIS A 12 1.72 -2.84 5.68
CA HIS A 12 1.59 -4.30 5.75
C HIS A 12 2.21 -4.97 4.53
N SER A 13 2.09 -4.31 3.38
CA SER A 13 2.65 -4.85 2.14
C SER A 13 2.86 -3.74 1.12
N ARG A 14 4.08 -3.65 0.61
CA ARG A 14 4.42 -2.64 -0.39
C ARG A 14 3.48 -2.72 -1.59
N CYS A 15 3.65 -1.79 -2.53
CA CYS A 15 2.82 -1.75 -3.72
C CYS A 15 2.81 -3.11 -4.43
N CYS A 16 1.90 -3.27 -5.37
CA CYS A 16 1.78 -4.53 -6.11
C CYS A 16 3.13 -4.92 -6.72
N CYS A 1 -5.38 -5.55 -6.20
CA CYS A 1 -4.22 -5.19 -5.38
C CYS A 1 -4.53 -3.97 -4.50
N CYS A 2 -3.71 -3.76 -3.48
CA CYS A 2 -3.89 -2.64 -2.57
C CYS A 2 -3.66 -1.32 -3.28
N ASN A 3 -4.40 -0.29 -2.88
CA ASN A 3 -4.27 1.03 -3.49
C ASN A 3 -2.96 1.70 -3.08
N CYS A 4 -2.21 2.17 -4.07
CA CYS A 4 -0.94 2.82 -3.81
C CYS A 4 -1.12 4.04 -2.91
N SER A 5 -2.24 4.73 -3.09
CA SER A 5 -2.53 5.93 -2.30
C SER A 5 -2.50 5.61 -0.81
N SER A 6 -3.06 4.45 -0.44
CA SER A 6 -3.09 4.04 0.95
C SER A 6 -1.69 4.00 1.55
N LYS A 7 -1.42 4.92 2.47
CA LYS A 7 -0.12 5.00 3.12
C LYS A 7 0.03 3.90 4.18
N TRP A 8 -1.06 3.60 4.86
CA TRP A 8 -1.06 2.58 5.89
C TRP A 8 -0.72 1.21 5.30
N CYS A 9 -1.23 0.95 4.11
CA CYS A 9 -0.99 -0.32 3.43
C CYS A 9 0.50 -0.61 3.33
N ARG A 10 1.29 0.43 3.08
CA ARG A 10 2.74 0.29 2.96
C ARG A 10 3.31 -0.37 4.21
N ASP A 11 2.63 -0.21 5.33
CA ASP A 11 3.08 -0.78 6.60
C ASP A 11 3.00 -2.31 6.55
N HIS A 12 2.08 -2.83 5.75
CA HIS A 12 1.90 -4.27 5.61
C HIS A 12 2.57 -4.78 4.34
N SER A 13 2.54 -3.97 3.28
CA SER A 13 3.14 -4.34 2.02
C SER A 13 3.06 -3.18 1.02
N ARG A 14 3.96 -3.20 0.04
CA ARG A 14 4.01 -2.15 -0.98
C ARG A 14 2.91 -2.36 -2.02
N CYS A 15 2.84 -1.45 -2.98
CA CYS A 15 1.83 -1.54 -4.04
C CYS A 15 2.35 -2.37 -5.21
N CYS A 16 1.44 -2.93 -5.98
CA CYS A 16 1.79 -3.75 -7.14
C CYS A 16 2.39 -2.89 -8.25
#